data_4PIA
#
_entry.id   4PIA
#
_cell.length_a   46.599
_cell.length_b   69.927
_cell.length_c   73.268
_cell.angle_alpha   90.000
_cell.angle_beta   90.000
_cell.angle_gamma   90.000
#
_symmetry.space_group_name_H-M   'P 21 21 21'
#
loop_
_entity.id
_entity.type
_entity.pdbx_description
1 polymer 'Autolysin E'
2 non-polymer 'CHLORIDE ION'
3 water water
#
_entity_poly.entity_id   1
_entity_poly.type   'polypeptide(L)'
_entity_poly.pdbx_seq_one_letter_code
;SAAANDVNYSFDEAVSMQQGKGIVQTKEEDGKFVEANNNEIAKAMTISHKDNDMKYMDITEKVPMSESEVNQLLKGKGIL
ENRGKVFLEAQEKYEVNVIYLVSHALVETGNGKSELAKGIKDGKKRYYNFFGIGAFDSSAVRSGKSYAEKEQWTSPDKAI
IGGAKFIRNEYFENNQLNLYQMRWNPENPAQHQYASDIRWADKIAKLMDKSYKQFGIKKDDIRQTYYK
;
_entity_poly.pdbx_strand_id   A
#
# COMPACT_ATOMS: atom_id res chain seq x y z
N ALA A 2 -10.52 -6.09 -26.34
CA ALA A 2 -9.54 -6.23 -27.47
C ALA A 2 -8.14 -5.73 -27.09
N ALA A 3 -7.98 -4.43 -26.84
CA ALA A 3 -6.65 -3.87 -26.53
C ALA A 3 -6.30 -4.00 -25.03
N ALA A 4 -5.31 -4.84 -24.73
CA ALA A 4 -4.79 -5.05 -23.37
C ALA A 4 -3.38 -4.43 -23.24
N ASN A 5 -3.10 -3.46 -24.10
CA ASN A 5 -1.83 -2.81 -24.09
C ASN A 5 -1.88 -1.56 -23.22
N ASP A 6 -1.25 -1.70 -22.05
CA ASP A 6 -1.21 -0.62 -21.06
C ASP A 6 0.10 0.14 -21.06
N VAL A 7 0.94 -0.07 -22.08
CA VAL A 7 2.19 0.67 -22.21
C VAL A 7 1.88 1.89 -23.09
N ASN A 8 1.69 3.02 -22.44
CA ASN A 8 1.16 4.22 -23.09
C ASN A 8 2.11 5.37 -23.26
N TYR A 9 3.16 5.47 -22.43
CA TYR A 9 4.05 6.65 -22.36
C TYR A 9 5.51 6.21 -22.38
N SER A 10 6.37 7.04 -22.97
CA SER A 10 7.79 6.90 -22.76
C SER A 10 8.15 7.24 -21.31
N PHE A 11 9.30 6.75 -20.87
CA PHE A 11 9.75 7.13 -19.53
C PHE A 11 9.84 8.61 -19.35
N ASP A 12 10.46 9.30 -20.32
CA ASP A 12 10.63 10.73 -20.19
C ASP A 12 9.31 11.49 -20.15
N GLU A 13 8.30 11.01 -20.91
CA GLU A 13 6.98 11.63 -20.83
C GLU A 13 6.37 11.45 -19.43
N ALA A 14 6.47 10.23 -18.90
CA ALA A 14 5.95 9.97 -17.56
C ALA A 14 6.62 10.76 -16.47
N VAL A 15 7.95 10.88 -16.58
CA VAL A 15 8.67 11.71 -15.64
C VAL A 15 8.17 13.15 -15.63
N SER A 16 8.00 13.73 -16.83
CA SER A 16 7.51 15.09 -16.88
CA SER A 16 7.49 15.09 -16.94
C SER A 16 6.13 15.26 -16.23
N MET A 17 5.26 14.26 -16.39
CA MET A 17 3.97 14.25 -15.75
C MET A 17 4.10 14.19 -14.22
N GLN A 18 4.96 13.29 -13.72
CA GLN A 18 5.14 13.18 -12.29
C GLN A 18 5.73 14.45 -11.66
N GLN A 19 6.44 15.23 -12.48
CA GLN A 19 7.00 16.51 -12.07
C GLN A 19 6.09 17.70 -12.27
N GLY A 20 4.85 17.43 -12.67
CA GLY A 20 3.94 18.48 -13.07
C GLY A 20 3.54 19.43 -12.00
N LYS A 21 2.87 20.52 -12.42
CA LYS A 21 2.54 21.60 -11.49
C LYS A 21 1.67 21.17 -10.33
N GLY A 22 2.12 21.51 -9.11
CA GLY A 22 1.33 21.22 -7.94
C GLY A 22 1.31 19.80 -7.42
N ILE A 23 2.02 18.89 -8.08
CA ILE A 23 1.98 17.50 -7.70
C ILE A 23 2.95 17.23 -6.55
N VAL A 24 2.41 16.69 -5.47
CA VAL A 24 3.19 16.46 -4.22
C VAL A 24 3.89 15.12 -4.25
N GLN A 25 5.19 15.20 -4.27
CA GLN A 25 6.02 14.03 -4.18
C GLN A 25 6.96 14.34 -3.04
N THR A 26 7.08 13.41 -2.09
CA THR A 26 7.81 13.64 -0.83
C THR A 26 8.93 12.63 -0.58
N LYS A 27 9.87 13.03 0.29
CA LYS A 27 10.99 12.17 0.66
C LYS A 27 11.31 12.41 2.14
N GLU A 28 11.78 11.39 2.83
CA GLU A 28 12.15 11.53 4.25
C GLU A 28 13.59 12.05 4.31
N GLU A 29 13.74 13.14 5.05
CA GLU A 29 15.05 13.74 5.31
C GLU A 29 15.01 14.44 6.68
N ASP A 30 16.12 14.36 7.41
CA ASP A 30 16.27 15.03 8.72
C ASP A 30 15.09 14.73 9.65
N GLY A 31 14.62 13.49 9.63
CA GLY A 31 13.54 13.07 10.48
C GLY A 31 12.09 13.36 10.08
N LYS A 32 11.88 13.89 8.88
CA LYS A 32 10.52 14.25 8.50
C LYS A 32 10.38 14.20 7.00
N PHE A 33 9.18 14.42 6.53
CA PHE A 33 8.95 14.47 5.09
C PHE A 33 9.06 15.87 4.54
N VAL A 34 9.78 15.99 3.44
CA VAL A 34 9.91 17.23 2.67
C VAL A 34 9.59 16.97 1.20
N GLU A 35 9.40 18.02 0.41
CA GLU A 35 9.15 17.83 -1.03
C GLU A 35 10.37 17.29 -1.71
N ALA A 36 10.22 16.27 -2.56
CA ALA A 36 11.28 15.72 -3.33
C ALA A 36 11.56 16.65 -4.50
N ASN A 37 12.81 16.75 -4.95
CA ASN A 37 13.06 17.54 -6.15
C ASN A 37 12.86 16.71 -7.41
N ASN A 38 12.93 17.34 -8.59
CA ASN A 38 12.71 16.66 -9.82
C ASN A 38 13.67 15.52 -10.06
N ASN A 39 14.97 15.70 -9.72
CA ASN A 39 15.90 14.60 -9.92
C ASN A 39 15.56 13.40 -9.02
N GLU A 40 15.15 13.66 -7.79
CA GLU A 40 14.83 12.59 -6.88
C GLU A 40 13.60 11.80 -7.37
N ILE A 41 12.65 12.53 -7.92
CA ILE A 41 11.41 11.87 -8.45
C ILE A 41 11.79 10.99 -9.59
N ALA A 42 12.57 11.49 -10.55
CA ALA A 42 13.01 10.72 -11.68
C ALA A 42 13.81 9.48 -11.28
N LYS A 43 14.70 9.63 -10.28
CA LYS A 43 15.47 8.47 -9.87
C LYS A 43 14.60 7.44 -9.21
N ALA A 44 13.63 7.89 -8.42
CA ALA A 44 12.76 6.96 -7.67
C ALA A 44 11.90 6.10 -8.58
N MET A 45 11.51 6.65 -9.72
CA MET A 45 10.64 5.92 -10.63
C MET A 45 11.39 5.09 -11.66
N THR A 46 12.74 5.16 -11.69
CA THR A 46 13.51 4.33 -12.56
C THR A 46 13.38 2.85 -12.17
N ILE A 47 13.37 1.98 -13.17
CA ILE A 47 13.18 0.57 -12.90
C ILE A 47 14.51 -0.15 -12.75
N SER A 48 14.66 -0.80 -11.59
CA SER A 48 15.95 -1.41 -11.19
C SER A 48 15.76 -2.72 -10.46
N ASP A 51 15.26 -5.27 -3.78
CA ASP A 51 14.47 -6.15 -2.90
C ASP A 51 13.90 -7.33 -3.69
N ASN A 52 14.74 -8.03 -4.48
CA ASN A 52 14.35 -9.24 -5.26
C ASN A 52 13.09 -8.97 -6.12
N ASP A 53 13.02 -7.69 -6.55
CA ASP A 53 11.95 -7.29 -7.45
C ASP A 53 10.59 -7.42 -6.81
N MET A 54 10.47 -7.37 -5.48
CA MET A 54 9.19 -7.43 -4.82
C MET A 54 8.31 -6.25 -5.24
N LYS A 55 8.86 -5.09 -5.58
CA LYS A 55 8.09 -3.92 -6.08
CA LYS A 55 7.96 -4.00 -5.98
C LYS A 55 7.39 -4.21 -7.38
N TYR A 56 7.91 -5.21 -8.13
CA TYR A 56 7.41 -5.53 -9.45
C TYR A 56 6.64 -6.82 -9.51
N MET A 57 6.33 -7.41 -8.34
CA MET A 57 5.69 -8.68 -8.26
C MET A 57 4.18 -8.55 -8.11
N ASP A 58 3.43 -9.32 -8.86
CA ASP A 58 1.98 -9.34 -8.76
C ASP A 58 1.58 -9.69 -7.33
N ILE A 59 0.77 -8.83 -6.69
CA ILE A 59 0.31 -9.03 -5.31
C ILE A 59 -1.18 -9.32 -5.29
N THR A 60 -1.74 -9.70 -6.46
CA THR A 60 -3.15 -9.97 -6.59
C THR A 60 -3.42 -11.45 -6.54
N GLU A 61 -2.49 -12.24 -6.06
CA GLU A 61 -2.66 -13.68 -5.84
CA GLU A 61 -2.74 -13.64 -5.82
C GLU A 61 -2.47 -13.93 -4.35
N LYS A 62 -2.82 -15.10 -3.93
CA LYS A 62 -2.77 -15.49 -2.52
C LYS A 62 -1.52 -16.24 -2.25
N VAL A 63 -1.06 -16.25 -0.99
CA VAL A 63 0.11 -17.02 -0.59
C VAL A 63 -0.28 -17.98 0.49
N PRO A 64 0.46 -19.10 0.56
CA PRO A 64 0.15 -20.13 1.53
C PRO A 64 0.76 -19.77 2.87
N MET A 65 0.01 -19.02 3.65
CA MET A 65 0.38 -18.63 4.99
C MET A 65 -0.73 -19.00 5.94
N SER A 66 -0.44 -19.81 6.92
CA SER A 66 -1.46 -20.15 7.94
C SER A 66 -1.71 -19.03 8.91
N GLU A 67 -2.78 -19.10 9.69
CA GLU A 67 -3.03 -18.05 10.67
C GLU A 67 -1.90 -18.03 11.69
N SER A 68 -1.29 -19.15 12.00
CA SER A 68 -0.15 -19.20 12.93
CA SER A 68 -0.21 -19.11 12.97
C SER A 68 1.02 -18.42 12.35
N GLU A 69 1.31 -18.63 11.06
CA GLU A 69 2.40 -17.91 10.41
C GLU A 69 2.14 -16.43 10.33
N VAL A 70 0.93 -16.03 9.99
CA VAL A 70 0.62 -14.59 9.93
C VAL A 70 0.73 -13.98 11.34
N ASN A 71 0.25 -14.66 12.34
CA ASN A 71 0.36 -14.13 13.73
C ASN A 71 1.80 -14.05 14.17
N GLN A 72 2.64 -14.92 13.65
CA GLN A 72 4.09 -14.80 13.94
C GLN A 72 4.61 -13.47 13.42
N LEU A 73 4.22 -13.06 12.21
CA LEU A 73 4.61 -11.76 11.66
C LEU A 73 4.08 -10.61 12.47
N LEU A 74 2.91 -10.77 13.10
CA LEU A 74 2.26 -9.68 13.82
C LEU A 74 2.59 -9.65 15.29
N LYS A 75 3.37 -10.60 15.75
CA LYS A 75 3.77 -10.63 17.16
C LYS A 75 4.58 -9.36 17.48
N GLY A 76 4.20 -8.68 18.57
CA GLY A 76 4.84 -7.44 18.89
C GLY A 76 4.49 -6.25 18.03
N LYS A 77 3.38 -6.31 17.28
CA LYS A 77 3.00 -5.25 16.37
C LYS A 77 1.72 -4.52 16.83
N GLY A 78 1.72 -4.17 18.11
CA GLY A 78 0.74 -3.26 18.62
C GLY A 78 -0.71 -3.67 18.41
N ILE A 79 -1.50 -2.77 17.86
CA ILE A 79 -2.92 -3.02 17.55
C ILE A 79 -3.12 -4.13 16.53
N LEU A 80 -2.08 -4.48 15.78
CA LEU A 80 -2.22 -5.55 14.80
C LEU A 80 -1.88 -6.92 15.33
N GLU A 81 -1.25 -7.03 16.51
CA GLU A 81 -0.90 -8.28 17.08
C GLU A 81 -2.14 -9.16 17.23
N ASN A 82 -2.00 -10.44 16.93
CA ASN A 82 -3.03 -11.40 17.08
C ASN A 82 -4.26 -11.11 16.28
N ARG A 83 -4.11 -10.47 15.12
CA ARG A 83 -5.18 -10.23 14.17
C ARG A 83 -4.95 -11.01 12.86
N GLY A 84 -4.08 -12.02 12.92
CA GLY A 84 -3.78 -12.80 11.72
C GLY A 84 -4.99 -13.45 11.09
N LYS A 85 -5.91 -13.95 11.91
CA LYS A 85 -7.06 -14.62 11.32
CA LYS A 85 -7.16 -14.56 11.44
C LYS A 85 -7.84 -13.68 10.42
N VAL A 86 -7.89 -12.39 10.78
CA VAL A 86 -8.63 -11.41 10.00
C VAL A 86 -7.87 -10.99 8.73
N PHE A 87 -6.55 -10.84 8.84
CA PHE A 87 -5.78 -10.65 7.61
C PHE A 87 -6.03 -11.80 6.59
N LEU A 88 -6.12 -13.04 7.09
CA LEU A 88 -6.38 -14.14 6.17
C LEU A 88 -7.84 -14.15 5.67
N GLU A 89 -8.81 -13.77 6.48
CA GLU A 89 -10.15 -13.53 5.95
C GLU A 89 -10.10 -12.58 4.76
N ALA A 90 -9.36 -11.47 4.93
CA ALA A 90 -9.21 -10.53 3.84
C ALA A 90 -8.54 -11.14 2.62
N GLN A 91 -7.45 -11.88 2.83
CA GLN A 91 -6.78 -12.52 1.69
C GLN A 91 -7.77 -13.37 0.88
N GLU A 92 -8.53 -14.23 1.57
CA GLU A 92 -9.37 -15.16 0.86
C GLU A 92 -10.59 -14.47 0.28
N LYS A 93 -11.21 -13.55 0.99
CA LYS A 93 -12.41 -12.90 0.48
C LYS A 93 -12.11 -12.09 -0.77
N TYR A 94 -10.97 -11.39 -0.77
CA TYR A 94 -10.71 -10.39 -1.82
C TYR A 94 -9.56 -10.71 -2.73
N GLU A 95 -8.88 -11.85 -2.51
CA GLU A 95 -7.76 -12.29 -3.36
C GLU A 95 -6.64 -11.23 -3.33
N VAL A 96 -6.16 -11.03 -2.10
CA VAL A 96 -5.11 -10.02 -1.84
C VAL A 96 -4.00 -10.73 -1.08
N ASN A 97 -2.81 -10.67 -1.62
CA ASN A 97 -1.62 -11.32 -1.00
C ASN A 97 -1.42 -10.89 0.45
N VAL A 98 -1.49 -11.85 1.36
CA VAL A 98 -1.56 -11.49 2.79
C VAL A 98 -0.23 -10.97 3.28
N ILE A 99 0.90 -11.41 2.69
CA ILE A 99 2.18 -10.84 3.09
C ILE A 99 2.25 -9.38 2.70
N TYR A 100 1.79 -9.02 1.50
CA TYR A 100 1.67 -7.65 1.11
C TYR A 100 0.78 -6.89 2.07
N LEU A 101 -0.38 -7.43 2.37
CA LEU A 101 -1.35 -6.71 3.20
C LEU A 101 -0.77 -6.41 4.58
N VAL A 102 -0.15 -7.39 5.21
CA VAL A 102 0.50 -7.23 6.52
C VAL A 102 1.61 -6.20 6.37
N SER A 103 2.46 -6.29 5.33
CA SER A 103 3.62 -5.38 5.19
C SER A 103 3.12 -3.97 5.01
N HIS A 104 2.10 -3.74 4.20
CA HIS A 104 1.56 -2.39 3.98
C HIS A 104 1.04 -1.86 5.31
N ALA A 105 0.27 -2.66 6.05
CA ALA A 105 -0.27 -2.17 7.35
C ALA A 105 0.85 -1.87 8.29
N LEU A 106 1.91 -2.66 8.33
CA LEU A 106 3.00 -2.39 9.30
C LEU A 106 3.72 -1.13 8.96
N VAL A 107 3.96 -0.86 7.68
CA VAL A 107 4.61 0.40 7.34
C VAL A 107 3.71 1.55 7.74
N GLU A 108 2.44 1.52 7.36
CA GLU A 108 1.54 2.65 7.55
C GLU A 108 1.28 2.96 8.99
N THR A 109 1.23 1.95 9.82
CA THR A 109 0.85 2.11 11.25
C THR A 109 2.03 2.19 12.19
N GLY A 110 3.24 2.18 11.62
CA GLY A 110 4.43 2.14 12.48
C GLY A 110 4.49 0.89 13.31
N ASN A 111 4.47 -0.27 12.66
CA ASN A 111 4.54 -1.52 13.38
C ASN A 111 3.36 -1.70 14.33
N GLY A 112 2.22 -1.16 13.95
CA GLY A 112 1.02 -1.25 14.77
C GLY A 112 0.99 -0.42 16.00
N LYS A 113 1.96 0.48 16.16
CA LYS A 113 2.18 1.16 17.45
C LYS A 113 1.99 2.64 17.37
N SER A 114 1.66 3.21 16.24
CA SER A 114 1.48 4.68 16.17
C SER A 114 0.21 5.12 16.89
N GLU A 115 0.18 6.37 17.35
CA GLU A 115 -1.02 6.89 17.93
C GLU A 115 -2.22 6.88 16.97
N LEU A 116 -1.99 7.25 15.71
CA LEU A 116 -3.05 7.25 14.75
C LEU A 116 -3.66 5.86 14.52
N ALA A 117 -2.85 4.83 14.64
CA ALA A 117 -3.39 3.48 14.44
C ALA A 117 -4.45 3.15 15.48
N LYS A 118 -4.48 3.87 16.62
CA LYS A 118 -5.52 3.69 17.59
C LYS A 118 -6.81 4.41 17.28
N GLY A 119 -6.91 5.08 16.12
CA GLY A 119 -8.17 5.49 15.64
C GLY A 119 -8.58 6.91 16.01
N ILE A 120 -9.68 7.31 15.46
CA ILE A 120 -10.21 8.70 15.63
C ILE A 120 -11.64 8.60 16.12
N LYS A 121 -11.88 9.32 17.22
CA LYS A 121 -13.17 9.31 17.88
C LYS A 121 -14.16 10.19 17.16
N ASP A 122 -15.41 9.73 17.05
CA ASP A 122 -16.53 10.58 16.64
C ASP A 122 -17.81 10.05 17.25
N GLY A 123 -18.39 10.87 18.12
CA GLY A 123 -19.54 10.44 18.92
C GLY A 123 -19.16 9.26 19.78
N LYS A 124 -19.96 8.21 19.74
CA LYS A 124 -19.66 7.04 20.56
C LYS A 124 -18.83 5.99 19.86
N LYS A 125 -18.37 6.30 18.65
CA LYS A 125 -17.60 5.37 17.84
C LYS A 125 -16.18 5.81 17.68
N ARG A 126 -15.32 4.89 17.26
CA ARG A 126 -13.94 5.19 16.88
C ARG A 126 -13.77 4.59 15.52
N TYR A 127 -13.08 5.34 14.66
CA TYR A 127 -12.77 4.88 13.29
C TYR A 127 -11.29 4.57 13.18
N TYR A 128 -11.04 3.50 12.42
CA TYR A 128 -9.68 2.93 12.25
C TYR A 128 -9.32 2.91 10.77
N ASN A 129 -8.02 3.00 10.50
CA ASN A 129 -7.55 2.99 9.08
C ASN A 129 -6.10 2.61 9.12
N PHE A 130 -5.82 1.43 8.57
CA PHE A 130 -4.48 0.88 8.61
C PHE A 130 -3.68 0.94 7.30
N PHE A 131 -4.27 1.57 6.30
CA PHE A 131 -3.67 1.59 4.95
C PHE A 131 -3.55 2.96 4.35
N GLY A 132 -3.75 4.02 5.12
CA GLY A 132 -3.63 5.34 4.51
C GLY A 132 -4.64 5.62 3.46
N ILE A 133 -5.86 5.14 3.61
CA ILE A 133 -6.91 5.31 2.63
C ILE A 133 -7.74 6.52 2.90
N GLY A 134 -7.65 7.47 1.95
CA GLY A 134 -8.42 8.71 2.05
C GLY A 134 -7.95 9.62 3.12
N ALA A 135 -8.78 10.63 3.46
CA ALA A 135 -8.41 11.53 4.52
C ALA A 135 -8.77 10.92 5.88
N PHE A 136 -7.78 10.99 6.73
CA PHE A 136 -7.85 10.38 8.06
C PHE A 136 -7.19 11.20 9.14
N ASP A 137 -7.98 12.17 9.61
CA ASP A 137 -7.65 13.02 10.75
C ASP A 137 -8.96 13.48 11.40
N SER A 138 -8.86 14.19 12.53
CA SER A 138 -10.05 14.62 13.26
C SER A 138 -10.97 15.54 12.48
N SER A 139 -10.41 16.51 11.76
CA SER A 139 -11.23 17.36 10.88
C SER A 139 -12.06 16.52 9.93
N ALA A 140 -11.38 15.64 9.17
CA ALA A 140 -12.04 14.88 8.12
C ALA A 140 -13.09 13.96 8.70
N VAL A 141 -12.77 13.34 9.83
CA VAL A 141 -13.71 12.44 10.50
C VAL A 141 -14.91 13.23 11.07
N ARG A 142 -14.65 14.35 11.74
CA ARG A 142 -15.76 15.22 12.24
C ARG A 142 -16.71 15.69 11.12
N SER A 143 -16.16 16.10 9.99
CA SER A 143 -16.96 16.61 8.86
C SER A 143 -17.62 15.53 7.99
N GLY A 144 -17.23 14.27 8.18
CA GLY A 144 -17.78 13.16 7.39
C GLY A 144 -17.15 13.10 6.00
N LYS A 145 -16.05 13.82 5.79
CA LYS A 145 -15.29 13.72 4.54
C LYS A 145 -14.12 12.76 4.78
N SER A 146 -14.43 11.64 5.42
CA SER A 146 -13.42 10.57 5.69
C SER A 146 -13.92 9.22 5.25
N TYR A 147 -13.12 8.57 4.39
CA TYR A 147 -13.49 7.30 3.82
C TYR A 147 -13.71 6.23 4.91
N ALA A 148 -12.86 6.29 5.92
CA ALA A 148 -12.98 5.33 7.04
C ALA A 148 -14.33 5.42 7.71
N GLU A 149 -14.82 6.64 7.86
CA GLU A 149 -16.16 6.87 8.43
C GLU A 149 -17.29 6.49 7.46
N LYS A 150 -17.13 6.85 6.18
CA LYS A 150 -18.10 6.49 5.18
C LYS A 150 -18.31 4.98 5.09
N GLU A 151 -17.22 4.20 5.21
CA GLU A 151 -17.33 2.77 5.16
C GLU A 151 -17.49 2.09 6.54
N GLN A 152 -17.62 2.91 7.55
CA GLN A 152 -17.91 2.43 8.92
C GLN A 152 -16.88 1.43 9.42
N TRP A 153 -15.60 1.85 9.30
CA TRP A 153 -14.50 1.05 9.81
C TRP A 153 -14.39 1.36 11.30
N THR A 154 -15.31 0.77 12.06
CA THR A 154 -15.48 1.08 13.47
C THR A 154 -14.76 0.14 14.43
N SER A 155 -13.91 -0.72 13.87
CA SER A 155 -13.04 -1.61 14.65
C SER A 155 -11.77 -1.93 13.86
N PRO A 156 -10.73 -2.39 14.55
CA PRO A 156 -9.51 -2.84 13.84
C PRO A 156 -9.84 -3.91 12.84
N ASP A 157 -10.68 -4.88 13.15
CA ASP A 157 -10.95 -5.94 12.19
C ASP A 157 -11.66 -5.42 10.97
N LYS A 158 -12.63 -4.52 11.15
CA LYS A 158 -13.29 -3.89 10.03
C LYS A 158 -12.35 -3.09 9.14
N ALA A 159 -11.36 -2.44 9.74
CA ALA A 159 -10.35 -1.69 8.97
C ALA A 159 -9.45 -2.62 8.16
N ILE A 160 -9.19 -3.80 8.67
CA ILE A 160 -8.34 -4.76 7.91
C ILE A 160 -9.09 -5.32 6.74
N ILE A 161 -10.32 -5.80 6.95
CA ILE A 161 -11.15 -6.31 5.85
C ILE A 161 -11.43 -5.19 4.87
N GLY A 162 -11.77 -4.01 5.37
CA GLY A 162 -12.16 -2.94 4.49
C GLY A 162 -11.01 -2.40 3.66
N GLY A 163 -9.83 -2.37 4.25
CA GLY A 163 -8.63 -1.96 3.52
C GLY A 163 -8.36 -2.89 2.34
N ALA A 164 -8.44 -4.19 2.59
CA ALA A 164 -8.26 -5.18 1.53
C ALA A 164 -9.31 -5.01 0.45
N LYS A 165 -10.57 -4.81 0.82
CA LYS A 165 -11.59 -4.61 -0.15
C LYS A 165 -11.33 -3.42 -1.03
N PHE A 166 -10.91 -2.33 -0.43
CA PHE A 166 -10.53 -1.12 -1.16
C PHE A 166 -9.38 -1.36 -2.14
N ILE A 167 -8.33 -1.99 -1.67
CA ILE A 167 -7.17 -2.22 -2.51
C ILE A 167 -7.54 -3.08 -3.70
N ARG A 168 -8.30 -4.15 -3.47
CA ARG A 168 -8.76 -5.01 -4.56
C ARG A 168 -9.63 -4.21 -5.54
N ASN A 169 -10.66 -3.54 -5.03
CA ASN A 169 -11.66 -2.93 -5.96
C ASN A 169 -11.15 -1.68 -6.60
N GLU A 170 -10.25 -0.93 -5.94
CA GLU A 170 -9.87 0.37 -6.50
C GLU A 170 -8.54 0.34 -7.22
N TYR A 171 -7.64 -0.56 -6.83
CA TYR A 171 -6.31 -0.68 -7.45
C TYR A 171 -6.21 -1.96 -8.26
N PHE A 172 -6.44 -3.15 -7.68
CA PHE A 172 -6.22 -4.37 -8.45
C PHE A 172 -7.18 -4.50 -9.65
N GLU A 173 -8.38 -4.01 -9.49
CA GLU A 173 -9.37 -4.02 -10.57
C GLU A 173 -9.15 -2.89 -11.53
N ASN A 174 -8.18 -2.01 -11.27
CA ASN A 174 -7.75 -0.89 -12.16
C ASN A 174 -6.42 -1.21 -12.85
N ASN A 175 -6.02 -2.49 -12.87
CA ASN A 175 -4.78 -2.90 -13.53
C ASN A 175 -3.53 -2.30 -12.87
N GLN A 176 -3.62 -2.04 -11.56
CA GLN A 176 -2.46 -1.66 -10.75
C GLN A 176 -2.20 -2.83 -9.82
N LEU A 177 -1.38 -3.74 -10.29
CA LEU A 177 -1.26 -5.11 -9.77
C LEU A 177 -0.02 -5.33 -8.94
N ASN A 178 0.87 -4.35 -8.88
CA ASN A 178 2.08 -4.45 -8.07
C ASN A 178 2.34 -3.11 -7.47
N LEU A 179 3.31 -3.07 -6.56
CA LEU A 179 3.56 -1.84 -5.80
C LEU A 179 4.01 -0.70 -6.74
N TYR A 180 4.84 -1.03 -7.71
CA TYR A 180 5.30 -0.02 -8.68
C TYR A 180 4.09 0.64 -9.38
N GLN A 181 3.15 -0.15 -9.86
CA GLN A 181 2.00 0.40 -10.55
C GLN A 181 1.12 1.17 -9.62
N MET A 182 0.95 0.68 -8.38
CA MET A 182 0.17 1.42 -7.38
C MET A 182 0.74 2.81 -7.12
N ARG A 183 2.07 2.88 -7.08
CA ARG A 183 2.74 4.13 -6.75
C ARG A 183 2.92 5.09 -7.93
N TRP A 184 3.21 4.54 -9.12
CA TRP A 184 3.61 5.35 -10.27
C TRP A 184 2.67 5.28 -11.44
N ASN A 185 1.64 4.45 -11.36
CA ASN A 185 0.62 4.25 -12.42
C ASN A 185 1.13 4.55 -13.81
N PRO A 186 2.06 3.78 -14.33
CA PRO A 186 2.65 4.13 -15.61
C PRO A 186 1.69 4.13 -16.76
N GLU A 187 0.57 3.43 -16.65
CA GLU A 187 -0.49 3.46 -17.71
C GLU A 187 -1.11 4.84 -17.79
N ASN A 188 -1.22 5.57 -16.67
CA ASN A 188 -1.76 6.92 -16.59
C ASN A 188 -0.99 7.73 -15.54
N PRO A 189 0.23 8.16 -15.91
CA PRO A 189 1.14 8.72 -14.90
C PRO A 189 0.55 9.91 -14.14
N ALA A 190 0.81 9.95 -12.84
CA ALA A 190 0.48 11.01 -11.93
C ALA A 190 -0.97 10.98 -11.47
N GLN A 191 -1.78 10.09 -11.98
CA GLN A 191 -3.15 9.91 -11.56
C GLN A 191 -3.27 8.65 -10.75
N HIS A 192 -4.21 8.64 -9.79
CA HIS A 192 -4.58 7.44 -9.09
C HIS A 192 -3.37 6.69 -8.52
N GLN A 193 -2.54 7.42 -7.81
CA GLN A 193 -1.32 6.90 -7.15
C GLN A 193 -1.53 6.84 -5.67
N TYR A 194 -0.93 5.80 -5.06
CA TYR A 194 -1.33 5.48 -3.67
C TYR A 194 -0.78 6.47 -2.69
N ALA A 195 0.40 7.03 -2.92
CA ALA A 195 1.12 7.81 -1.94
C ALA A 195 2.01 8.82 -2.57
N SER A 196 2.39 9.83 -1.77
CA SER A 196 3.36 10.84 -2.18
CA SER A 196 3.36 10.84 -2.19
C SER A 196 4.81 10.48 -1.88
N ASP A 197 5.04 9.62 -0.85
CA ASP A 197 6.39 9.23 -0.48
C ASP A 197 7.02 8.50 -1.67
N ILE A 198 8.10 9.03 -2.22
CA ILE A 198 8.81 8.44 -3.33
C ILE A 198 9.40 7.03 -3.02
N ARG A 199 9.56 6.72 -1.72
CA ARG A 199 10.01 5.37 -1.35
CA ARG A 199 10.00 5.43 -1.21
C ARG A 199 8.92 4.53 -0.69
N TRP A 200 7.64 4.88 -0.92
CA TRP A 200 6.52 4.08 -0.42
C TRP A 200 6.62 2.62 -0.82
N ALA A 201 6.90 2.35 -2.09
CA ALA A 201 6.98 0.97 -2.57
C ALA A 201 8.14 0.26 -1.98
N ASP A 202 9.28 0.95 -1.89
CA ASP A 202 10.49 0.31 -1.34
C ASP A 202 10.28 -0.14 0.10
N LYS A 203 9.60 0.65 0.92
CA LYS A 203 9.42 0.32 2.35
C LYS A 203 8.60 -0.94 2.47
N ILE A 204 7.52 -1.03 1.70
CA ILE A 204 6.63 -2.19 1.81
C ILE A 204 7.36 -3.41 1.25
N ALA A 205 8.02 -3.27 0.11
CA ALA A 205 8.75 -4.37 -0.56
C ALA A 205 9.83 -4.95 0.35
N LYS A 206 10.51 -4.11 1.13
CA LYS A 206 11.61 -4.62 1.98
C LYS A 206 11.02 -5.53 3.02
N LEU A 207 9.88 -5.20 3.61
CA LEU A 207 9.27 -6.07 4.60
C LEU A 207 8.76 -7.31 3.94
N MET A 208 8.16 -7.19 2.76
CA MET A 208 7.67 -8.37 2.05
C MET A 208 8.79 -9.32 1.76
N ASP A 209 9.95 -8.81 1.34
CA ASP A 209 11.07 -9.72 1.00
C ASP A 209 11.56 -10.44 2.24
N LYS A 210 11.62 -9.77 3.37
CA LYS A 210 12.02 -10.46 4.60
C LYS A 210 11.04 -11.56 4.90
N SER A 211 9.71 -11.30 4.77
CA SER A 211 8.74 -12.32 5.12
C SER A 211 8.76 -13.50 4.15
N TYR A 212 8.96 -13.21 2.86
CA TYR A 212 9.14 -14.26 1.88
C TYR A 212 10.29 -15.18 2.26
N LYS A 213 11.42 -14.59 2.61
CA LYS A 213 12.61 -15.40 2.92
C LYS A 213 12.50 -16.08 4.28
N GLN A 214 11.71 -15.56 5.17
CA GLN A 214 11.45 -16.16 6.49
C GLN A 214 10.66 -17.44 6.31
N PHE A 215 9.64 -17.45 5.43
CA PHE A 215 8.74 -18.62 5.29
C PHE A 215 8.99 -19.41 4.04
N GLY A 216 9.88 -18.99 3.16
CA GLY A 216 10.20 -19.77 1.97
C GLY A 216 9.10 -19.69 0.93
N ILE A 217 8.53 -18.51 0.73
CA ILE A 217 7.39 -18.36 -0.19
C ILE A 217 7.88 -18.10 -1.61
N LYS A 218 7.21 -18.72 -2.57
CA LYS A 218 7.52 -18.57 -3.98
C LYS A 218 6.91 -17.25 -4.49
N LYS A 219 7.73 -16.50 -5.22
CA LYS A 219 7.31 -15.25 -5.86
C LYS A 219 6.35 -15.52 -7.00
N ASP A 220 5.37 -14.62 -7.17
CA ASP A 220 4.45 -14.60 -8.30
C ASP A 220 5.13 -13.78 -9.43
N ASP A 221 4.37 -13.53 -10.49
CA ASP A 221 4.94 -12.97 -11.71
C ASP A 221 5.60 -11.61 -11.50
N ILE A 222 6.76 -11.37 -12.07
CA ILE A 222 7.51 -10.13 -12.00
C ILE A 222 7.41 -9.46 -13.37
N ARG A 223 7.03 -8.21 -13.36
CA ARG A 223 6.89 -7.42 -14.62
C ARG A 223 7.89 -6.29 -14.58
N GLN A 224 8.71 -6.14 -15.64
CA GLN A 224 9.63 -5.01 -15.62
C GLN A 224 9.46 -4.06 -16.81
N THR A 225 8.48 -4.27 -17.70
CA THR A 225 8.29 -3.34 -18.84
C THR A 225 7.00 -2.54 -18.64
N TYR A 226 7.19 -1.23 -18.51
CA TYR A 226 6.05 -0.27 -18.28
C TYR A 226 5.97 0.87 -19.25
N TYR A 227 7.05 1.17 -19.99
CA TYR A 227 7.17 2.39 -20.78
C TYR A 227 7.55 2.03 -22.21
N LYS A 228 7.20 2.93 -23.11
CA LYS A 228 7.51 2.76 -24.53
C LYS A 228 9.00 2.82 -24.78
#